data_4P1Z
#
_entry.id   4P1Z
#
_cell.length_a   35.860
_cell.length_b   101.290
_cell.length_c   146.480
_cell.angle_alpha   90.000
_cell.angle_beta   90.000
_cell.angle_gamma   90.000
#
_symmetry.space_group_name_H-M   'P 21 21 21'
#
loop_
_entity.id
_entity.type
_entity.pdbx_description
1 polymer 'Piwi-like protein 1'
2 water water
#
_entity_poly.entity_id   1
_entity_poly.type   'polypeptide(L)'
_entity_poly.pdbx_seq_one_letter_code
;GAPLISVKPLDNWLLIYTRRNYEAANSLIQNLFKVTPAMGIQMKKAIMIEVDDRTEAYLRALQQKVTSDTQIVVCLLSSN
RKDKYDAIKKYLCTDCPTPSQCVVARTLGKQQTVMAIATKIALQMNCK
;
_entity_poly.pdbx_strand_id   A,B,C,D
#
# COMPACT_ATOMS: atom_id res chain seq x y z
N ALA A 2 1.57 -44.76 -22.81
CA ALA A 2 1.72 -43.41 -22.18
C ALA A 2 0.35 -42.84 -21.77
N PRO A 3 0.20 -42.38 -20.49
CA PRO A 3 -1.13 -42.10 -19.89
C PRO A 3 -1.99 -41.03 -20.62
N LEU A 4 -3.11 -41.45 -21.23
CA LEU A 4 -3.88 -40.60 -22.17
C LEU A 4 -4.73 -39.49 -21.56
N ILE A 5 -5.29 -39.69 -20.36
CA ILE A 5 -6.12 -38.65 -19.77
C ILE A 5 -5.21 -37.50 -19.28
N SER A 6 -5.48 -36.30 -19.74
CA SER A 6 -4.79 -35.11 -19.33
C SER A 6 -5.20 -34.60 -17.91
N VAL A 7 -4.22 -34.27 -17.06
CA VAL A 7 -4.51 -33.71 -15.70
C VAL A 7 -3.72 -32.41 -15.44
N LYS A 8 -4.25 -31.47 -14.66
CA LYS A 8 -3.47 -30.22 -14.35
C LYS A 8 -2.62 -30.42 -13.10
N PRO A 9 -1.30 -30.55 -13.25
CA PRO A 9 -0.54 -30.75 -12.03
C PRO A 9 -0.47 -29.50 -11.14
N LEU A 10 -0.69 -29.70 -9.85
CA LEU A 10 -0.56 -28.70 -8.83
C LEU A 10 0.59 -29.19 -7.96
N ASP A 11 1.81 -28.86 -8.37
CA ASP A 11 2.99 -29.38 -7.66
C ASP A 11 3.77 -28.38 -6.81
N ASN A 12 3.61 -27.09 -7.07
CA ASN A 12 4.33 -26.08 -6.31
C ASN A 12 3.37 -25.09 -5.70
N TRP A 13 3.10 -25.24 -4.41
CA TRP A 13 2.20 -24.28 -3.78
C TRP A 13 2.40 -24.20 -2.29
N LEU A 14 1.92 -23.12 -1.68
CA LEU A 14 2.22 -22.82 -0.30
C LEU A 14 1.06 -22.86 0.63
N LEU A 15 1.23 -23.52 1.75
CA LEU A 15 0.26 -23.44 2.81
C LEU A 15 0.99 -22.83 4.02
N ILE A 16 0.51 -21.66 4.46
CA ILE A 16 1.05 -20.99 5.60
C ILE A 16 0.10 -21.07 6.75
N TYR A 17 0.58 -21.59 7.88
CA TYR A 17 -0.27 -21.91 9.00
C TYR A 17 0.54 -21.74 10.25
N THR A 18 -0.17 -21.74 11.37
CA THR A 18 0.44 -21.62 12.67
C THR A 18 0.37 -22.94 13.44
N ARG A 19 1.28 -23.11 14.41
CA ARG A 19 1.49 -24.38 15.06
C ARG A 19 0.24 -24.97 15.72
N ARG A 20 -0.64 -24.13 16.25
CA ARG A 20 -1.87 -24.59 16.90
C ARG A 20 -2.82 -25.39 15.94
N ASN A 21 -2.72 -25.13 14.64
CA ASN A 21 -3.57 -25.78 13.67
C ASN A 21 -2.72 -26.68 12.81
N TYR A 22 -1.64 -27.21 13.35
CA TYR A 22 -0.79 -28.10 12.59
C TYR A 22 -1.56 -29.28 12.00
N GLU A 23 -2.50 -29.82 12.78
CA GLU A 23 -3.20 -30.99 12.30
C GLU A 23 -4.35 -30.65 11.39
N ALA A 24 -5.00 -29.50 11.64
CA ALA A 24 -6.09 -29.11 10.76
C ALA A 24 -5.47 -28.81 9.40
N ALA A 25 -4.21 -28.44 9.41
CA ALA A 25 -3.51 -28.20 8.17
C ALA A 25 -3.24 -29.48 7.39
N ASN A 26 -2.74 -30.51 8.10
CA ASN A 26 -2.46 -31.82 7.51
C ASN A 26 -3.73 -32.43 6.94
N SER A 27 -4.80 -32.35 7.72
CA SER A 27 -6.09 -32.86 7.30
C SER A 27 -6.55 -32.17 5.99
N LEU A 28 -6.33 -30.86 5.92
CA LEU A 28 -6.78 -30.13 4.78
C LEU A 28 -6.08 -30.63 3.53
N ILE A 29 -4.78 -30.91 3.64
CA ILE A 29 -4.07 -31.49 2.53
C ILE A 29 -4.72 -32.82 2.15
N GLN A 30 -4.99 -33.67 3.14
CA GLN A 30 -5.48 -35.02 2.83
C GLN A 30 -6.80 -34.89 2.08
N ASN A 31 -7.75 -34.19 2.70
CA ASN A 31 -9.05 -33.91 2.08
C ASN A 31 -9.02 -33.33 0.68
N LEU A 32 -8.12 -32.40 0.42
CA LEU A 32 -7.93 -31.87 -0.91
C LEU A 32 -7.40 -32.92 -1.86
N PHE A 33 -6.53 -33.80 -1.37
CA PHE A 33 -6.10 -34.99 -2.15
C PHE A 33 -7.31 -35.82 -2.62
N LYS A 34 -8.36 -35.90 -1.77
CA LYS A 34 -9.59 -36.72 -2.03
C LYS A 34 -10.50 -36.10 -3.10
N VAL A 35 -10.75 -34.79 -3.00
CA VAL A 35 -11.72 -34.12 -3.91
C VAL A 35 -11.10 -33.46 -5.15
N THR A 36 -9.79 -33.52 -5.28
CA THR A 36 -9.12 -32.89 -6.39
C THR A 36 -9.03 -33.70 -7.68
N PRO A 37 -8.91 -35.05 -7.63
CA PRO A 37 -8.95 -35.78 -8.92
C PRO A 37 -10.23 -35.57 -9.74
N ALA A 38 -11.41 -35.54 -9.10
CA ALA A 38 -12.71 -35.24 -9.84
C ALA A 38 -12.66 -33.91 -10.63
N MET A 39 -11.73 -33.03 -10.26
CA MET A 39 -11.60 -31.74 -10.91
C MET A 39 -10.49 -31.71 -11.94
N GLY A 40 -9.90 -32.85 -12.31
CA GLY A 40 -8.82 -32.81 -13.34
C GLY A 40 -7.47 -32.29 -12.82
N ILE A 41 -7.31 -32.29 -11.50
CA ILE A 41 -6.09 -31.80 -10.91
C ILE A 41 -5.32 -32.91 -10.27
N GLN A 42 -4.03 -32.98 -10.56
CA GLN A 42 -3.11 -33.86 -9.80
C GLN A 42 -2.23 -33.10 -8.79
N MET A 43 -2.51 -33.34 -7.52
CA MET A 43 -1.94 -32.57 -6.43
C MET A 43 -0.65 -33.17 -5.94
N LYS A 44 0.35 -32.35 -5.64
CA LYS A 44 1.45 -32.80 -4.76
C LYS A 44 1.19 -32.16 -3.40
N LYS A 45 1.87 -32.63 -2.38
CA LYS A 45 1.84 -32.00 -1.06
C LYS A 45 2.22 -30.47 -1.10
N ALA A 46 1.59 -29.67 -0.23
CA ALA A 46 1.94 -28.25 -0.19
C ALA A 46 3.31 -28.11 0.46
N ILE A 47 4.05 -27.09 0.03
CA ILE A 47 5.15 -26.57 0.84
C ILE A 47 4.54 -25.96 2.10
N MET A 48 4.86 -26.51 3.24
CA MET A 48 4.22 -26.05 4.44
C MET A 48 5.12 -25.10 5.21
N ILE A 49 4.56 -23.98 5.66
CA ILE A 49 5.33 -22.96 6.27
C ILE A 49 4.65 -22.67 7.57
N GLU A 50 5.34 -22.98 8.66
CA GLU A 50 4.86 -22.70 10.00
C GLU A 50 5.30 -21.30 10.41
N VAL A 51 4.37 -20.50 10.92
CA VAL A 51 4.67 -19.15 11.36
C VAL A 51 4.04 -18.94 12.72
N ASP A 52 4.63 -18.05 13.52
CA ASP A 52 4.01 -17.54 14.75
C ASP A 52 2.69 -16.89 14.40
N ASP A 53 1.78 -16.89 15.35
CA ASP A 53 0.43 -16.41 15.09
C ASP A 53 0.29 -14.90 15.17
N ARG A 54 0.95 -14.19 14.26
CA ARG A 54 0.86 -12.73 14.17
C ARG A 54 0.92 -12.27 12.74
N THR A 55 0.20 -11.19 12.44
CA THR A 55 0.02 -10.76 11.08
C THR A 55 1.35 -10.71 10.37
N GLU A 56 2.31 -10.04 10.99
CA GLU A 56 3.62 -9.79 10.39
C GLU A 56 4.37 -11.06 10.01
N ALA A 57 4.24 -12.10 10.83
CA ALA A 57 4.88 -13.37 10.51
C ALA A 57 4.30 -13.95 9.22
N TYR A 58 2.97 -13.86 9.06
CA TYR A 58 2.40 -14.27 7.77
C TYR A 58 3.03 -13.46 6.62
N LEU A 59 3.21 -12.15 6.82
CA LEU A 59 3.64 -11.34 5.67
C LEU A 59 5.08 -11.62 5.30
N ARG A 60 5.94 -11.82 6.31
CA ARG A 60 7.33 -12.22 6.07
C ARG A 60 7.41 -13.54 5.29
N ALA A 61 6.72 -14.55 5.77
CA ALA A 61 6.68 -15.82 5.06
C ALA A 61 6.32 -15.60 3.58
N LEU A 62 5.24 -14.85 3.34
CA LEU A 62 4.88 -14.50 1.96
C LEU A 62 6.04 -13.87 1.17
N GLN A 63 6.69 -12.87 1.74
CA GLN A 63 7.78 -12.19 1.00
C GLN A 63 8.96 -13.13 0.72
N GLN A 64 9.18 -14.06 1.63
CA GLN A 64 10.33 -14.93 1.49
C GLN A 64 10.11 -16.11 0.55
N LYS A 65 8.88 -16.66 0.55
CA LYS A 65 8.61 -17.95 -0.08
C LYS A 65 7.86 -17.90 -1.45
N VAL A 66 7.02 -16.89 -1.65
CA VAL A 66 6.40 -16.74 -2.93
C VAL A 66 7.41 -16.49 -4.03
N THR A 67 7.32 -17.29 -5.10
CA THR A 67 8.25 -17.29 -6.23
C THR A 67 7.47 -17.21 -7.53
N SER A 68 8.19 -17.01 -8.63
CA SER A 68 7.64 -17.25 -9.96
C SER A 68 6.89 -18.60 -10.06
N ASP A 69 7.41 -19.62 -9.40
CA ASP A 69 6.94 -20.98 -9.57
C ASP A 69 5.69 -21.27 -8.76
N THR A 70 5.42 -20.42 -7.77
CA THR A 70 4.34 -20.69 -6.85
C THR A 70 2.99 -20.65 -7.57
N GLN A 71 2.21 -21.72 -7.48
CA GLN A 71 0.95 -21.73 -8.25
C GLN A 71 -0.24 -21.14 -7.48
N ILE A 72 -0.30 -21.36 -6.18
CA ILE A 72 -1.46 -21.07 -5.35
C ILE A 72 -0.82 -20.77 -3.99
N VAL A 73 -1.46 -19.94 -3.16
CA VAL A 73 -0.99 -19.68 -1.79
C VAL A 73 -2.21 -19.81 -0.92
N VAL A 74 -2.08 -20.42 0.25
CA VAL A 74 -3.24 -20.59 1.11
C VAL A 74 -2.75 -20.19 2.47
N CYS A 75 -3.47 -19.27 3.11
CA CYS A 75 -3.13 -18.87 4.46
C CYS A 75 -4.24 -19.40 5.33
N LEU A 76 -3.87 -20.20 6.32
CA LEU A 76 -4.83 -20.77 7.19
C LEU A 76 -4.67 -20.01 8.48
N LEU A 77 -5.78 -19.47 8.97
CA LEU A 77 -5.71 -18.57 10.11
C LEU A 77 -6.33 -19.23 11.31
N SER A 78 -5.72 -18.99 12.46
CA SER A 78 -6.19 -19.46 13.76
C SER A 78 -7.60 -19.01 14.07
N SER A 79 -8.04 -17.89 13.50
CA SER A 79 -9.29 -17.31 13.93
C SER A 79 -9.78 -16.34 12.90
N ASN A 80 -11.08 -16.06 12.96
CA ASN A 80 -11.72 -15.07 12.07
C ASN A 80 -11.48 -13.65 12.57
N ARG A 81 -10.50 -13.50 13.46
CA ARG A 81 -10.07 -12.22 13.98
C ARG A 81 -9.99 -11.19 12.86
N LYS A 82 -10.88 -10.19 12.94
CA LYS A 82 -11.12 -9.29 11.83
C LYS A 82 -9.85 -8.62 11.35
N ASP A 83 -9.14 -7.97 12.27
CA ASP A 83 -7.96 -7.21 11.92
C ASP A 83 -6.90 -8.05 11.21
N LYS A 84 -6.57 -9.21 11.81
CA LYS A 84 -5.59 -10.11 11.24
C LYS A 84 -6.02 -10.56 9.85
N TYR A 85 -7.26 -11.03 9.74
CA TYR A 85 -7.84 -11.48 8.47
C TYR A 85 -7.79 -10.37 7.41
N ASP A 86 -8.31 -9.21 7.76
CA ASP A 86 -8.30 -8.05 6.85
C ASP A 86 -6.90 -7.65 6.37
N ALA A 87 -5.93 -7.60 7.30
CA ALA A 87 -4.57 -7.17 6.94
C ALA A 87 -3.92 -8.17 5.97
N ILE A 88 -4.13 -9.45 6.22
CA ILE A 88 -3.51 -10.45 5.38
C ILE A 88 -4.17 -10.42 4.01
N LYS A 89 -5.50 -10.40 4.01
CA LYS A 89 -6.25 -10.31 2.77
C LYS A 89 -5.79 -9.14 1.90
N LYS A 90 -5.72 -7.95 2.52
CA LYS A 90 -5.34 -6.72 1.83
C LYS A 90 -3.95 -6.86 1.20
N TYR A 91 -2.98 -7.27 2.00
CA TYR A 91 -1.64 -7.47 1.53
C TYR A 91 -1.60 -8.48 0.36
N LEU A 92 -2.29 -9.62 0.48
CA LEU A 92 -2.25 -10.60 -0.63
C LEU A 92 -2.75 -9.89 -1.86
N CYS A 93 -3.83 -9.20 -1.62
CA CYS A 93 -4.55 -8.60 -2.71
C CYS A 93 -3.75 -7.49 -3.40
N THR A 94 -3.06 -6.64 -2.64
CA THR A 94 -2.16 -5.61 -3.25
C THR A 94 -0.74 -6.05 -3.63
N ASP A 95 -0.11 -6.85 -2.81
CA ASP A 95 1.31 -7.16 -3.05
C ASP A 95 1.66 -8.56 -3.54
N CYS A 96 0.71 -9.48 -3.51
CA CYS A 96 1.00 -10.85 -3.90
C CYS A 96 0.31 -11.12 -5.25
N PRO A 97 1.11 -11.28 -6.33
CA PRO A 97 0.57 -11.49 -7.66
C PRO A 97 0.00 -12.92 -7.83
N THR A 98 0.62 -13.90 -7.17
CA THR A 98 0.19 -15.27 -7.13
C THR A 98 -1.22 -15.32 -6.53
N PRO A 99 -2.12 -16.11 -7.12
CA PRO A 99 -3.47 -16.26 -6.61
C PRO A 99 -3.52 -16.93 -5.24
N SER A 100 -4.49 -16.57 -4.39
CA SER A 100 -4.41 -16.90 -2.97
C SER A 100 -5.77 -17.00 -2.32
N GLN A 101 -5.81 -17.48 -1.07
CA GLN A 101 -7.06 -17.36 -0.31
C GLN A 101 -6.73 -17.57 1.15
N CYS A 102 -7.61 -17.09 2.00
CA CYS A 102 -7.48 -17.27 3.41
C CYS A 102 -8.60 -18.14 3.90
N VAL A 103 -8.27 -19.03 4.83
CA VAL A 103 -9.23 -19.98 5.38
C VAL A 103 -9.17 -19.89 6.89
N VAL A 104 -10.32 -19.84 7.56
CA VAL A 104 -10.33 -19.91 9.03
C VAL A 104 -10.44 -21.36 9.51
N ALA A 105 -9.44 -21.84 10.24
CA ALA A 105 -9.37 -23.22 10.75
C ALA A 105 -10.68 -23.83 11.26
N ARG A 106 -11.39 -23.06 12.09
CA ARG A 106 -12.72 -23.39 12.59
C ARG A 106 -13.66 -24.07 11.58
N THR A 107 -13.72 -23.52 10.38
CA THR A 107 -14.69 -23.96 9.38
C THR A 107 -14.27 -25.22 8.67
N LEU A 108 -12.96 -25.53 8.71
CA LEU A 108 -12.40 -26.73 8.07
C LEU A 108 -13.08 -28.04 8.46
N GLY A 109 -13.88 -27.98 9.54
CA GLY A 109 -14.71 -29.09 10.02
C GLY A 109 -16.02 -29.30 9.26
N LYS A 110 -15.94 -29.21 7.93
CA LYS A 110 -17.06 -29.42 6.98
C LYS A 110 -16.53 -29.79 5.60
N GLN A 111 -17.18 -30.73 4.94
CA GLN A 111 -16.75 -31.18 3.59
C GLN A 111 -17.16 -30.19 2.49
N GLN A 112 -18.08 -29.28 2.82
CA GLN A 112 -18.46 -28.19 1.95
C GLN A 112 -17.41 -27.08 1.91
N THR A 113 -16.79 -26.80 3.07
CA THR A 113 -15.64 -25.93 3.15
C THR A 113 -14.52 -26.45 2.26
N VAL A 114 -14.16 -27.72 2.42
CA VAL A 114 -13.12 -28.31 1.57
C VAL A 114 -13.43 -28.15 0.08
N MET A 115 -14.66 -28.45 -0.31
CA MET A 115 -15.09 -28.32 -1.72
C MET A 115 -14.94 -26.91 -2.27
N ALA A 116 -15.40 -25.93 -1.49
CA ALA A 116 -15.25 -24.54 -1.87
C ALA A 116 -13.77 -24.14 -2.14
N ILE A 117 -12.85 -24.54 -1.23
CA ILE A 117 -11.41 -24.19 -1.32
C ILE A 117 -10.90 -24.81 -2.61
N ALA A 118 -11.28 -26.06 -2.86
CA ALA A 118 -10.74 -26.77 -4.01
C ALA A 118 -11.30 -26.17 -5.27
N THR A 119 -12.59 -25.88 -5.25
CA THR A 119 -13.20 -25.15 -6.36
C THR A 119 -12.44 -23.89 -6.68
N LYS A 120 -12.20 -23.05 -5.67
CA LYS A 120 -11.50 -21.78 -5.87
C LYS A 120 -10.11 -22.05 -6.50
N ILE A 121 -9.38 -23.04 -5.99
CA ILE A 121 -8.07 -23.40 -6.55
C ILE A 121 -8.19 -23.82 -8.03
N ALA A 122 -9.08 -24.77 -8.34
CA ALA A 122 -9.30 -25.14 -9.77
C ALA A 122 -9.53 -23.90 -10.62
N LEU A 123 -10.33 -22.99 -10.11
CA LEU A 123 -10.52 -21.71 -10.81
C LEU A 123 -9.23 -20.88 -10.92
N GLN A 124 -8.48 -20.75 -9.83
CA GLN A 124 -7.26 -19.90 -9.86
C GLN A 124 -6.18 -20.47 -10.77
N MET A 125 -6.21 -21.79 -10.98
CA MET A 125 -5.28 -22.42 -11.90
C MET A 125 -5.47 -22.07 -13.38
N ASN A 126 -6.47 -21.25 -13.70
CA ASN A 126 -6.66 -20.81 -15.10
C ASN A 126 -6.47 -19.30 -15.31
N CYS A 127 -5.99 -18.60 -14.29
CA CYS A 127 -5.94 -17.10 -14.29
C CYS A 127 -4.58 -16.46 -14.71
N LYS A 128 -4.62 -15.19 -15.17
CA LYS A 128 -3.41 -14.41 -15.48
C LYS A 128 -2.91 -13.64 -14.25
N ALA B 2 14.18 -17.62 -6.64
CA ALA B 2 14.20 -16.13 -6.61
C ALA B 2 12.83 -15.56 -6.14
N PRO B 3 12.82 -14.74 -5.06
CA PRO B 3 11.62 -14.06 -4.48
C PRO B 3 10.80 -13.20 -5.46
N LEU B 4 9.48 -13.35 -5.42
CA LEU B 4 8.60 -12.71 -6.38
C LEU B 4 8.22 -11.28 -5.99
N ILE B 5 7.85 -11.11 -4.72
CA ILE B 5 7.32 -9.86 -4.18
C ILE B 5 8.44 -8.87 -3.72
N SER B 6 8.24 -7.58 -3.99
CA SER B 6 9.22 -6.54 -3.71
C SER B 6 9.20 -6.06 -2.29
N VAL B 7 10.37 -6.06 -1.66
CA VAL B 7 10.51 -5.35 -0.41
C VAL B 7 11.68 -4.37 -0.55
N LYS B 8 11.75 -3.39 0.33
CA LYS B 8 12.93 -2.50 0.40
C LYS B 8 13.71 -2.85 1.63
N PRO B 9 14.98 -3.26 1.44
CA PRO B 9 15.75 -3.64 2.62
C PRO B 9 16.22 -2.41 3.38
N LEU B 10 16.04 -2.41 4.70
CA LEU B 10 16.58 -1.40 5.60
C LEU B 10 17.66 -2.10 6.44
N ASP B 11 18.88 -2.19 5.91
CA ASP B 11 19.93 -2.97 6.59
C ASP B 11 20.99 -2.18 7.29
N ASN B 12 21.20 -0.92 6.85
CA ASN B 12 22.18 -0.03 7.44
C ASN B 12 21.55 1.28 7.99
N TRP B 13 21.39 1.34 9.30
CA TRP B 13 20.86 2.54 9.90
C TRP B 13 21.19 2.70 11.37
N LEU B 14 21.09 3.93 11.87
CA LEU B 14 21.64 4.29 13.19
C LEU B 14 20.57 4.62 14.19
N LEU B 15 20.68 4.02 15.36
CA LEU B 15 19.91 4.47 16.51
C LEU B 15 20.86 5.01 17.59
N ILE B 16 20.77 6.33 17.86
CA ILE B 16 21.60 6.96 18.87
C ILE B 16 20.72 7.24 20.07
N TYR B 17 21.18 6.79 21.23
CA TYR B 17 20.35 6.76 22.43
C TYR B 17 21.29 6.91 23.61
N THR B 18 20.70 7.19 24.75
CA THR B 18 21.44 7.25 25.98
C THR B 18 21.12 6.10 26.93
N ARG B 19 22.13 5.77 27.77
CA ARG B 19 22.11 4.64 28.72
CA ARG B 19 22.12 4.67 28.78
C ARG B 19 20.78 4.41 29.46
N ARG B 20 20.17 5.49 29.94
CA ARG B 20 18.93 5.41 30.72
C ARG B 20 17.74 4.76 29.94
N ASN B 21 17.79 4.82 28.61
CA ASN B 21 16.69 4.43 27.75
C ASN B 21 17.13 3.18 26.99
N TYR B 22 18.11 2.47 27.53
CA TYR B 22 18.67 1.35 26.83
C TYR B 22 17.58 0.35 26.41
N GLU B 23 16.56 0.18 27.25
CA GLU B 23 15.54 -0.81 26.96
C GLU B 23 14.37 -0.28 26.15
N ALA B 24 14.09 1.01 26.30
CA ALA B 24 13.11 1.61 25.43
C ALA B 24 13.69 1.57 24.01
N ALA B 25 15.00 1.63 23.89
CA ALA B 25 15.62 1.55 22.57
C ALA B 25 15.51 0.15 21.96
N ASN B 26 15.74 -0.87 22.79
CA ASN B 26 15.63 -2.24 22.34
C ASN B 26 14.23 -2.57 21.93
N SER B 27 13.25 -2.16 22.76
CA SER B 27 11.83 -2.34 22.45
C SER B 27 11.43 -1.69 21.13
N LEU B 28 11.90 -0.47 20.90
CA LEU B 28 11.58 0.21 19.67
C LEU B 28 12.03 -0.58 18.45
N ILE B 29 13.22 -1.19 18.52
CA ILE B 29 13.67 -2.04 17.43
C ILE B 29 12.70 -3.19 17.24
N GLN B 30 12.33 -3.87 18.33
CA GLN B 30 11.41 -5.03 18.22
C GLN B 30 10.10 -4.61 17.57
N ASN B 31 9.40 -3.66 18.18
CA ASN B 31 8.18 -3.10 17.61
C ASN B 31 8.23 -2.70 16.15
N LEU B 32 9.32 -2.11 15.72
CA LEU B 32 9.45 -1.75 14.30
C LEU B 32 9.59 -3.00 13.46
N PHE B 33 10.26 -4.01 14.01
CA PHE B 33 10.32 -5.32 13.37
C PHE B 33 8.91 -5.82 13.06
N LYS B 34 7.92 -5.51 13.94
CA LYS B 34 6.52 -5.97 13.89
C LYS B 34 5.69 -5.24 12.82
N VAL B 35 5.82 -3.92 12.76
CA VAL B 35 4.95 -3.11 11.87
C VAL B 35 5.57 -2.85 10.50
N THR B 36 6.78 -3.30 10.30
CA THR B 36 7.51 -2.96 9.09
C THR B 36 7.25 -3.86 7.87
N PRO B 37 6.97 -5.16 8.10
CA PRO B 37 6.68 -5.97 6.93
C PRO B 37 5.44 -5.47 6.21
N ALA B 38 4.44 -5.00 6.94
CA ALA B 38 3.20 -4.59 6.27
C ALA B 38 3.46 -3.43 5.31
N MET B 39 4.56 -2.69 5.53
CA MET B 39 4.88 -1.58 4.65
C MET B 39 5.82 -1.91 3.49
N GLY B 40 6.26 -3.14 3.36
CA GLY B 40 7.13 -3.49 2.24
C GLY B 40 8.59 -3.27 2.56
N ILE B 41 8.91 -3.33 3.84
CA ILE B 41 10.28 -3.11 4.28
C ILE B 41 10.81 -4.29 5.05
N GLN B 42 12.01 -4.72 4.68
CA GLN B 42 12.71 -5.72 5.46
C GLN B 42 13.84 -5.08 6.25
N MET B 43 13.66 -5.08 7.56
CA MET B 43 14.58 -4.42 8.49
C MET B 43 15.69 -5.32 9.01
N LYS B 44 16.91 -4.83 9.08
CA LYS B 44 17.92 -5.45 9.95
C LYS B 44 17.93 -4.68 11.28
N LYS B 45 18.60 -5.20 12.30
CA LYS B 45 18.82 -4.50 13.56
C LYS B 45 19.59 -3.12 13.40
N ALA B 46 19.30 -2.12 14.22
CA ALA B 46 20.00 -0.81 14.05
C ALA B 46 21.38 -0.96 14.56
N ILE B 47 22.32 -0.30 13.92
CA ILE B 47 23.61 -0.02 14.57
C ILE B 47 23.29 0.90 15.75
N MET B 48 23.52 0.41 16.94
CA MET B 48 23.15 1.17 18.13
C MET B 48 24.38 1.87 18.69
N ILE B 49 24.21 3.15 19.06
CA ILE B 49 25.33 4.02 19.49
C ILE B 49 24.92 4.67 20.78
N GLU B 50 25.61 4.31 21.86
CA GLU B 50 25.29 4.82 23.18
C GLU B 50 26.14 6.06 23.40
N VAL B 51 25.51 7.10 23.90
CA VAL B 51 26.19 8.36 24.08
C VAL B 51 25.75 8.93 25.41
N ASP B 52 26.60 9.76 26.01
CA ASP B 52 26.23 10.43 27.24
C ASP B 52 25.07 11.33 26.91
N ASP B 53 24.28 11.68 27.91
CA ASP B 53 23.08 12.46 27.69
C ASP B 53 23.30 13.97 27.60
N ARG B 54 23.99 14.38 26.54
CA ARG B 54 24.33 15.80 26.32
C ARG B 54 24.38 16.08 24.83
N THR B 55 23.93 17.26 24.46
CA THR B 55 23.82 17.59 23.06
C THR B 55 25.06 17.22 22.24
N GLU B 56 26.23 17.60 22.73
CA GLU B 56 27.50 17.50 22.01
C GLU B 56 27.89 16.05 21.76
N ALA B 57 27.50 15.17 22.67
CA ALA B 57 27.81 13.76 22.50
C ALA B 57 26.93 13.18 21.34
N TYR B 58 25.66 13.56 21.29
CA TYR B 58 24.88 13.17 20.11
C TYR B 58 25.55 13.65 18.83
N LEU B 59 26.04 14.92 18.82
CA LEU B 59 26.56 15.47 17.57
C LEU B 59 27.85 14.79 17.14
N ARG B 60 28.73 14.50 18.11
CA ARG B 60 29.94 13.71 17.85
C ARG B 60 29.66 12.34 17.30
N ALA B 61 28.79 11.58 17.95
CA ALA B 61 28.36 10.30 17.36
C ALA B 61 27.95 10.50 15.92
N LEU B 62 27.13 11.53 15.65
CA LEU B 62 26.67 11.75 14.28
C LEU B 62 27.84 11.92 13.32
N GLN B 63 28.81 12.74 13.72
CA GLN B 63 29.93 13.04 12.84
C GLN B 63 30.80 11.84 12.58
N GLN B 64 30.88 10.98 13.56
CA GLN B 64 31.75 9.84 13.43
C GLN B 64 31.09 8.65 12.75
N LYS B 65 29.78 8.51 12.91
CA LYS B 65 29.08 7.29 12.47
C LYS B 65 28.34 7.42 11.18
N VAL B 66 27.86 8.61 10.84
CA VAL B 66 27.11 8.72 9.60
C VAL B 66 28.04 8.53 8.42
N THR B 67 27.63 7.68 7.47
CA THR B 67 28.38 7.30 6.25
C THR B 67 27.50 7.40 5.03
N SER B 68 28.12 7.29 3.86
CA SER B 68 27.42 7.11 2.60
C SER B 68 26.35 6.02 2.68
N ASP B 69 26.63 4.97 3.46
CA ASP B 69 25.78 3.79 3.49
C ASP B 69 24.62 3.90 4.46
N THR B 70 24.68 4.83 5.38
CA THR B 70 23.62 4.98 6.36
C THR B 70 22.33 5.33 5.66
N GLN B 71 21.25 4.60 5.95
CA GLN B 71 19.98 4.88 5.27
C GLN B 71 19.09 5.85 6.05
N ILE B 72 19.03 5.68 7.37
CA ILE B 72 18.12 6.41 8.21
C ILE B 72 18.92 6.66 9.47
N VAL B 73 18.66 7.77 10.17
CA VAL B 73 19.22 8.01 11.50
C VAL B 73 18.06 8.26 12.45
N VAL B 74 18.12 7.73 13.66
CA VAL B 74 17.06 8.00 14.64
C VAL B 74 17.81 8.38 15.90
N CYS B 75 17.48 9.56 16.46
CA CYS B 75 18.07 9.99 17.73
C CYS B 75 16.99 9.92 18.77
N LEU B 76 17.23 9.09 19.79
CA LEU B 76 16.26 8.87 20.83
C LEU B 76 16.73 9.72 21.99
N LEU B 77 15.84 10.58 22.47
CA LEU B 77 16.23 11.56 23.46
C LEU B 77 15.53 11.20 24.72
N SER B 78 16.26 11.39 25.81
CA SER B 78 15.79 11.18 27.17
C SER B 78 14.53 11.98 27.48
N SER B 79 14.38 13.14 26.85
CA SER B 79 13.39 14.08 27.30
C SER B 79 13.08 15.06 26.19
N ASN B 80 11.94 15.72 26.33
CA ASN B 80 11.53 16.74 25.37
C ASN B 80 12.19 18.09 25.66
N ARG B 81 13.24 18.05 26.47
CA ARG B 81 14.03 19.22 26.81
C ARG B 81 14.27 20.08 25.58
N LYS B 82 13.67 21.27 25.59
CA LYS B 82 13.58 22.09 24.39
C LYS B 82 14.94 22.35 23.75
N ASP B 83 15.89 22.89 24.53
CA ASP B 83 17.21 23.26 24.01
C ASP B 83 17.99 22.09 23.37
N LYS B 84 18.01 20.94 24.06
CA LYS B 84 18.65 19.72 23.54
C LYS B 84 17.93 19.27 22.24
N TYR B 85 16.60 19.16 22.30
CA TYR B 85 15.83 18.75 21.12
C TYR B 85 16.06 19.72 19.93
N ASP B 86 16.00 21.01 20.20
CA ASP B 86 16.23 22.03 19.15
C ASP B 86 17.64 21.99 18.53
N ALA B 87 18.67 21.90 19.36
CA ALA B 87 20.04 21.86 18.82
C ALA B 87 20.28 20.59 17.95
N ILE B 88 19.80 19.45 18.42
CA ILE B 88 19.94 18.21 17.64
C ILE B 88 19.22 18.30 16.32
N LYS B 89 18.00 18.81 16.39
CA LYS B 89 17.13 18.93 15.17
C LYS B 89 17.74 19.89 14.14
N LYS B 90 18.22 21.01 14.62
CA LYS B 90 18.87 21.99 13.78
C LYS B 90 20.07 21.37 13.09
N TYR B 91 21.00 20.82 13.88
CA TYR B 91 22.16 20.22 13.32
C TYR B 91 21.85 19.07 12.30
N LEU B 92 20.94 18.15 12.63
CA LEU B 92 20.60 17.08 11.65
C LEU B 92 20.18 17.73 10.38
N CYS B 93 19.41 18.75 10.57
CA CYS B 93 18.75 19.36 9.46
C CYS B 93 19.74 20.22 8.62
N THR B 94 20.72 20.89 9.23
CA THR B 94 21.72 21.62 8.40
C THR B 94 22.88 20.75 7.92
N ASP B 95 23.38 19.86 8.79
CA ASP B 95 24.64 19.17 8.51
C ASP B 95 24.59 17.70 8.21
N CYS B 96 23.47 17.06 8.50
CA CYS B 96 23.34 15.65 8.22
C CYS B 96 22.49 15.42 6.99
N PRO B 97 23.15 15.02 5.88
CA PRO B 97 22.43 14.79 4.64
C PRO B 97 21.51 13.60 4.71
N THR B 98 21.89 12.57 5.47
CA THR B 98 21.11 11.36 5.68
C THR B 98 19.78 11.69 6.38
N PRO B 99 18.65 11.17 5.86
CA PRO B 99 17.35 11.50 6.44
C PRO B 99 17.32 11.02 7.90
N SER B 100 16.58 11.73 8.75
CA SER B 100 16.67 11.55 10.19
C SER B 100 15.41 11.88 10.93
N GLN B 101 15.39 11.67 12.25
CA GLN B 101 14.27 12.07 13.09
C GLN B 101 14.63 11.95 14.56
N CYS B 102 13.94 12.72 15.39
CA CYS B 102 14.16 12.66 16.82
C CYS B 102 12.89 12.18 17.48
N VAL B 103 13.05 11.31 18.48
CA VAL B 103 11.95 10.69 19.20
C VAL B 103 12.17 10.87 20.71
N VAL B 104 11.12 11.23 21.44
CA VAL B 104 11.24 11.34 22.88
C VAL B 104 10.79 10.03 23.52
N ALA B 105 11.72 9.39 24.22
CA ALA B 105 11.49 8.10 24.88
C ALA B 105 10.11 7.91 25.53
N ARG B 106 9.67 8.94 26.23
CA ARG B 106 8.39 8.99 26.92
C ARG B 106 7.20 8.52 26.06
N THR B 107 7.15 8.99 24.82
CA THR B 107 6.03 8.72 23.95
C THR B 107 6.05 7.28 23.40
N LEU B 108 7.21 6.64 23.46
CA LEU B 108 7.41 5.31 22.87
C LEU B 108 6.50 4.18 23.39
N GLY B 109 5.82 4.39 24.51
CA GLY B 109 4.90 3.35 25.03
C GLY B 109 3.81 3.02 24.02
N LYS B 110 3.32 4.04 23.33
CA LYS B 110 2.15 3.93 22.45
C LYS B 110 2.45 3.29 21.09
N GLN B 111 1.51 2.46 20.61
CA GLN B 111 1.64 1.82 19.29
C GLN B 111 1.45 2.81 18.15
N GLN B 112 0.71 3.89 18.39
CA GLN B 112 0.63 5.01 17.42
C GLN B 112 1.94 5.79 17.21
N THR B 113 2.73 5.90 18.26
CA THR B 113 4.06 6.49 18.15
C THR B 113 4.94 5.60 17.24
N VAL B 114 4.92 4.30 17.49
CA VAL B 114 5.69 3.35 16.69
C VAL B 114 5.29 3.44 15.23
N MET B 115 3.98 3.48 14.95
CA MET B 115 3.47 3.59 13.59
C MET B 115 3.95 4.85 12.90
N ALA B 116 3.89 5.97 13.61
CA ALA B 116 4.34 7.24 13.05
C ALA B 116 5.82 7.19 12.64
N ILE B 117 6.68 6.68 13.53
CA ILE B 117 8.11 6.48 13.26
C ILE B 117 8.35 5.62 12.00
N ALA B 118 7.65 4.51 11.92
CA ALA B 118 7.81 3.60 10.78
C ALA B 118 7.27 4.19 9.47
N THR B 119 6.16 4.91 9.55
CA THR B 119 5.67 5.66 8.40
C THR B 119 6.75 6.64 7.91
N LYS B 120 7.32 7.42 8.82
CA LYS B 120 8.31 8.43 8.43
C LYS B 120 9.46 7.73 7.72
N ILE B 121 9.86 6.58 8.25
CA ILE B 121 10.97 5.85 7.67
C ILE B 121 10.62 5.40 6.27
N ALA B 122 9.47 4.75 6.11
CA ALA B 122 9.01 4.36 4.74
C ALA B 122 9.06 5.56 3.77
N LEU B 123 8.58 6.70 4.25
CA LEU B 123 8.69 7.93 3.46
C LEU B 123 10.14 8.30 3.10
N GLN B 124 11.03 8.32 4.11
CA GLN B 124 12.40 8.71 3.91
C GLN B 124 13.15 7.76 2.97
N MET B 125 12.73 6.50 2.94
CA MET B 125 13.41 5.52 2.09
C MET B 125 13.18 5.74 0.59
N ASN B 126 12.38 6.73 0.22
CA ASN B 126 12.19 7.12 -1.19
C ASN B 126 12.80 8.49 -1.51
N GLY C 1 -43.52 -24.96 -19.69
CA GLY C 1 -42.52 -25.24 -18.62
C GLY C 1 -41.67 -24.01 -18.42
N ALA C 2 -40.41 -24.22 -18.04
CA ALA C 2 -39.39 -23.16 -17.93
C ALA C 2 -38.01 -23.82 -17.67
N PRO C 3 -36.91 -23.15 -18.09
CA PRO C 3 -35.57 -23.76 -18.06
C PRO C 3 -35.32 -24.76 -16.94
N LEU C 4 -34.49 -25.74 -17.23
CA LEU C 4 -34.15 -26.76 -16.25
C LEU C 4 -32.66 -26.60 -15.84
N ILE C 5 -31.87 -26.11 -16.79
CA ILE C 5 -30.44 -26.01 -16.63
C ILE C 5 -30.13 -24.73 -15.87
N SER C 6 -29.39 -24.84 -14.78
CA SER C 6 -28.91 -23.67 -14.05
C SER C 6 -27.95 -22.85 -14.91
N VAL C 7 -28.25 -21.54 -14.99
CA VAL C 7 -27.30 -20.50 -15.38
C VAL C 7 -27.21 -19.49 -14.25
N LYS C 8 -26.20 -18.64 -14.30
CA LYS C 8 -26.11 -17.44 -13.43
C LYS C 8 -26.13 -16.17 -14.29
N PRO C 9 -27.12 -15.29 -14.07
CA PRO C 9 -27.14 -14.10 -14.91
C PRO C 9 -26.08 -13.10 -14.46
N LEU C 10 -25.31 -12.58 -15.40
CA LEU C 10 -24.39 -11.46 -15.14
C LEU C 10 -24.97 -10.25 -15.86
N ASP C 11 -25.92 -9.57 -15.25
CA ASP C 11 -26.64 -8.48 -15.95
C ASP C 11 -26.22 -7.06 -15.58
N ASN C 12 -25.71 -6.87 -14.36
CA ASN C 12 -25.23 -5.58 -13.91
C ASN C 12 -23.73 -5.56 -13.62
N TRP C 13 -22.96 -4.99 -14.55
CA TRP C 13 -21.54 -4.88 -14.29
C TRP C 13 -20.86 -3.76 -15.08
N LEU C 14 -19.68 -3.36 -14.60
CA LEU C 14 -18.96 -2.21 -15.16
C LEU C 14 -17.73 -2.59 -15.93
N LEU C 15 -17.57 -1.95 -17.08
CA LEU C 15 -16.31 -1.95 -17.77
C LEU C 15 -15.84 -0.50 -17.91
N ILE C 16 -14.72 -0.20 -17.25
CA ILE C 16 -14.17 1.13 -17.26
C ILE C 16 -12.92 1.13 -18.11
N TYR C 17 -12.90 2.00 -19.11
CA TYR C 17 -11.90 1.93 -20.18
C TYR C 17 -11.64 3.35 -20.66
N THR C 18 -10.60 3.52 -21.45
CA THR C 18 -10.25 4.84 -21.98
C THR C 18 -10.38 4.83 -23.48
N ARG C 19 -10.75 5.97 -24.05
CA ARG C 19 -11.16 6.09 -25.45
C ARG C 19 -10.26 5.41 -26.49
N ARG C 20 -8.94 5.47 -26.25
CA ARG C 20 -7.96 4.88 -27.16
C ARG C 20 -8.23 3.36 -27.37
N ASN C 21 -8.81 2.71 -26.34
CA ASN C 21 -9.08 1.26 -26.38
C ASN C 21 -10.56 0.98 -26.59
N TYR C 22 -11.28 1.91 -27.20
CA TYR C 22 -12.71 1.77 -27.35
C TYR C 22 -13.05 0.44 -28.02
N GLU C 23 -12.23 0.04 -28.97
CA GLU C 23 -12.62 -1.11 -29.76
C GLU C 23 -12.13 -2.41 -29.19
N ALA C 24 -11.02 -2.34 -28.46
CA ALA C 24 -10.56 -3.49 -27.72
C ALA C 24 -11.57 -3.75 -26.59
N ALA C 25 -12.21 -2.71 -26.08
CA ALA C 25 -13.27 -2.91 -25.09
C ALA C 25 -14.51 -3.61 -25.67
N ASN C 26 -14.91 -3.20 -26.86
CA ASN C 26 -16.07 -3.77 -27.53
C ASN C 26 -15.79 -5.23 -27.85
N SER C 27 -14.62 -5.50 -28.40
CA SER C 27 -14.22 -6.87 -28.73
C SER C 27 -14.24 -7.79 -27.53
N LEU C 28 -13.75 -7.28 -26.40
CA LEU C 28 -13.75 -8.02 -25.16
C LEU C 28 -15.17 -8.44 -24.77
N ILE C 29 -16.14 -7.51 -24.93
CA ILE C 29 -17.50 -7.86 -24.61
C ILE C 29 -17.97 -9.01 -25.52
N GLN C 30 -17.72 -8.91 -26.83
CA GLN C 30 -18.14 -9.94 -27.77
C GLN C 30 -17.48 -11.22 -27.35
N ASN C 31 -16.16 -11.21 -27.21
CA ASN C 31 -15.48 -12.47 -26.90
C ASN C 31 -16.00 -13.13 -25.66
N LEU C 32 -16.31 -12.34 -24.65
CA LEU C 32 -16.82 -12.90 -23.40
C LEU C 32 -18.22 -13.45 -23.64
N PHE C 33 -18.96 -12.81 -24.53
CA PHE C 33 -20.24 -13.40 -24.94
C PHE C 33 -20.10 -14.85 -25.51
N LYS C 34 -18.99 -15.10 -26.22
CA LYS C 34 -18.71 -16.40 -26.82
C LYS C 34 -18.36 -17.50 -25.82
N VAL C 35 -17.52 -17.18 -24.84
CA VAL C 35 -16.97 -18.23 -23.95
C VAL C 35 -17.82 -18.40 -22.69
N THR C 36 -18.77 -17.50 -22.47
CA THR C 36 -19.46 -17.46 -21.19
C THR C 36 -20.59 -18.49 -21.02
N PRO C 37 -21.28 -18.84 -22.14
CA PRO C 37 -22.28 -19.90 -21.97
C PRO C 37 -21.70 -21.23 -21.49
N ALA C 38 -20.57 -21.66 -22.03
CA ALA C 38 -19.91 -22.89 -21.53
C ALA C 38 -19.68 -22.91 -20.01
N MET C 39 -19.64 -21.75 -19.37
CA MET C 39 -19.37 -21.67 -17.93
C MET C 39 -20.61 -21.50 -17.06
N GLY C 40 -21.80 -21.63 -17.63
CA GLY C 40 -23.01 -21.54 -16.82
C GLY C 40 -23.39 -20.10 -16.50
N ILE C 41 -22.97 -19.19 -17.37
CA ILE C 41 -23.26 -17.77 -17.16
C ILE C 41 -23.98 -17.14 -18.32
N GLN C 42 -25.01 -16.39 -18.00
CA GLN C 42 -25.72 -15.63 -19.03
C GLN C 42 -25.41 -14.15 -18.89
N MET C 43 -24.73 -13.62 -19.90
CA MET C 43 -24.18 -12.25 -19.84
C MET C 43 -25.13 -11.26 -20.49
N LYS C 44 -25.32 -10.11 -19.85
CA LYS C 44 -25.77 -8.89 -20.53
C LYS C 44 -24.56 -8.00 -20.87
N LYS C 45 -24.77 -7.00 -21.72
CA LYS C 45 -23.77 -6.02 -22.05
C LYS C 45 -23.21 -5.26 -20.78
N ALA C 46 -21.94 -4.90 -20.80
CA ALA C 46 -21.45 -4.21 -19.62
C ALA C 46 -21.94 -2.78 -19.68
N ILE C 47 -22.14 -2.18 -18.52
CA ILE C 47 -22.26 -0.75 -18.42
C ILE C 47 -20.89 -0.19 -18.74
N MET C 48 -20.78 0.55 -19.83
CA MET C 48 -19.48 1.02 -20.26
C MET C 48 -19.20 2.44 -19.77
N ILE C 49 -18.03 2.64 -19.17
CA ILE C 49 -17.69 3.94 -18.64
C ILE C 49 -16.37 4.39 -19.24
N GLU C 50 -16.45 5.42 -20.09
CA GLU C 50 -15.26 5.97 -20.71
C GLU C 50 -14.70 7.02 -19.76
N VAL C 51 -13.40 6.94 -19.53
CA VAL C 51 -12.71 7.91 -18.65
C VAL C 51 -11.45 8.45 -19.36
N ASP C 52 -10.96 9.60 -18.90
CA ASP C 52 -9.67 10.08 -19.37
C ASP C 52 -8.62 9.13 -18.86
N ASP C 53 -7.49 9.05 -19.55
CA ASP C 53 -6.47 8.09 -19.20
C ASP C 53 -5.59 8.53 -18.02
N ARG C 54 -6.20 8.70 -16.86
CA ARG C 54 -5.44 9.08 -15.67
C ARG C 54 -5.99 8.35 -14.48
N THR C 55 -5.12 8.10 -13.51
CA THR C 55 -5.50 7.35 -12.35
C THR C 55 -6.79 7.85 -11.74
N GLU C 56 -6.81 9.14 -11.47
CA GLU C 56 -7.90 9.79 -10.76
C GLU C 56 -9.24 9.69 -11.47
N ALA C 57 -9.26 9.70 -12.79
CA ALA C 57 -10.50 9.53 -13.50
C ALA C 57 -11.03 8.08 -13.29
N TYR C 58 -10.12 7.11 -13.23
CA TYR C 58 -10.63 5.77 -13.00
C TYR C 58 -11.26 5.76 -11.62
N LEU C 59 -10.63 6.43 -10.68
CA LEU C 59 -11.07 6.30 -9.29
C LEU C 59 -12.41 6.98 -9.08
N ARG C 60 -12.56 8.15 -9.69
CA ARG C 60 -13.85 8.85 -9.71
C ARG C 60 -14.94 7.98 -10.31
N ALA C 61 -14.73 7.49 -11.52
CA ALA C 61 -15.73 6.60 -12.13
C ALA C 61 -16.12 5.48 -11.16
N LEU C 62 -15.13 4.85 -10.52
CA LEU C 62 -15.42 3.89 -9.47
C LEU C 62 -16.34 4.36 -8.34
N GLN C 63 -16.03 5.50 -7.72
CA GLN C 63 -16.84 6.06 -6.63
C GLN C 63 -18.24 6.43 -7.05
N GLN C 64 -18.40 6.85 -8.28
CA GLN C 64 -19.70 7.30 -8.74
C GLN C 64 -20.60 6.22 -9.29
N LYS C 65 -20.01 5.18 -9.87
CA LYS C 65 -20.80 4.14 -10.55
C LYS C 65 -20.97 2.85 -9.79
N VAL C 66 -20.04 2.50 -8.92
CA VAL C 66 -20.22 1.25 -8.20
C VAL C 66 -21.40 1.38 -7.24
N THR C 67 -22.28 0.36 -7.26
CA THR C 67 -23.53 0.31 -6.48
C THR C 67 -23.65 -1.01 -5.76
N SER C 68 -24.65 -1.13 -4.90
CA SER C 68 -25.08 -2.43 -4.35
C SER C 68 -25.26 -3.48 -5.44
N ASP C 69 -25.81 -3.06 -6.57
CA ASP C 69 -26.23 -4.00 -7.63
C ASP C 69 -25.12 -4.44 -8.54
N THR C 70 -24.00 -3.74 -8.51
CA THR C 70 -22.88 -4.04 -9.41
C THR C 70 -22.31 -5.37 -9.05
N GLN C 71 -22.22 -6.27 -10.02
CA GLN C 71 -21.75 -7.63 -9.73
C GLN C 71 -20.25 -7.76 -9.88
N ILE C 72 -19.69 -7.18 -10.93
CA ILE C 72 -18.28 -7.36 -11.30
C ILE C 72 -17.85 -6.00 -11.77
N VAL C 73 -16.56 -5.69 -11.67
CA VAL C 73 -15.96 -4.47 -12.20
C VAL C 73 -14.73 -4.90 -12.97
N VAL C 74 -14.58 -4.37 -14.17
CA VAL C 74 -13.39 -4.63 -14.95
C VAL C 74 -12.79 -3.31 -15.36
N CYS C 75 -11.53 -3.11 -15.02
CA CYS C 75 -10.82 -1.90 -15.43
C CYS C 75 -9.85 -2.27 -16.52
N LEU C 76 -10.10 -1.76 -17.70
CA LEU C 76 -9.21 -1.95 -18.81
C LEU C 76 -8.23 -0.78 -18.86
N LEU C 77 -6.94 -1.09 -18.85
CA LEU C 77 -5.92 -0.07 -18.78
C LEU C 77 -5.20 0.02 -20.09
N SER C 78 -4.84 1.25 -20.45
CA SER C 78 -4.13 1.53 -21.68
C SER C 78 -2.77 0.83 -21.73
N SER C 79 -2.24 0.44 -20.57
CA SER C 79 -0.86 0.08 -20.50
C SER C 79 -0.58 -0.57 -19.18
N ASN C 80 0.45 -1.40 -19.15
CA ASN C 80 0.94 -2.00 -17.89
C ASN C 80 1.76 -1.02 -17.02
N ARG C 81 1.64 0.28 -17.32
CA ARG C 81 2.28 1.36 -16.54
C ARG C 81 2.16 1.08 -15.04
N LYS C 82 3.30 0.80 -14.42
CA LYS C 82 3.33 0.26 -13.07
C LYS C 82 2.56 1.11 -12.06
N ASP C 83 2.83 2.42 -12.04
CA ASP C 83 2.20 3.32 -11.06
C ASP C 83 0.67 3.41 -11.16
N LYS C 84 0.17 3.60 -12.38
CA LYS C 84 -1.26 3.63 -12.67
C LYS C 84 -1.90 2.29 -12.26
N TYR C 85 -1.32 1.19 -12.74
CA TYR C 85 -1.82 -0.15 -12.43
C TYR C 85 -1.89 -0.36 -10.91
N ASP C 86 -0.76 -0.07 -10.23
CA ASP C 86 -0.63 -0.23 -8.76
C ASP C 86 -1.63 0.63 -7.96
N ALA C 87 -1.85 1.85 -8.41
CA ALA C 87 -2.78 2.72 -7.69
C ALA C 87 -4.27 2.36 -7.90
N ILE C 88 -4.63 1.96 -9.11
CA ILE C 88 -5.96 1.40 -9.27
C ILE C 88 -6.13 0.14 -8.44
N LYS C 89 -5.12 -0.75 -8.50
CA LYS C 89 -5.25 -2.10 -7.90
C LYS C 89 -5.43 -1.94 -6.40
N LYS C 90 -4.65 -1.06 -5.84
CA LYS C 90 -4.69 -0.77 -4.41
C LYS C 90 -6.03 -0.25 -3.94
N TYR C 91 -6.57 0.69 -4.68
CA TYR C 91 -7.89 1.20 -4.39
C TYR C 91 -9.05 0.16 -4.55
N LEU C 92 -9.11 -0.54 -5.66
CA LEU C 92 -10.12 -1.64 -5.80
C LEU C 92 -10.08 -2.57 -4.63
N CYS C 93 -8.86 -2.84 -4.26
CA CYS C 93 -8.58 -3.79 -3.27
C CYS C 93 -8.86 -3.27 -1.84
N THR C 94 -8.67 -1.99 -1.55
CA THR C 94 -9.03 -1.46 -0.22
C THR C 94 -10.43 -0.86 -0.15
N ASP C 95 -10.83 -0.12 -1.18
CA ASP C 95 -12.06 0.65 -1.10
C ASP C 95 -13.26 0.16 -1.89
N CYS C 96 -13.04 -0.75 -2.81
CA CYS C 96 -14.13 -1.28 -3.61
C CYS C 96 -14.52 -2.70 -3.17
N PRO C 97 -15.70 -2.84 -2.53
CA PRO C 97 -16.13 -4.13 -2.00
C PRO C 97 -16.54 -5.09 -3.12
N THR C 98 -17.09 -4.53 -4.21
CA THR C 98 -17.40 -5.26 -5.42
C THR C 98 -16.17 -5.97 -6.01
N PRO C 99 -16.28 -7.27 -6.32
CA PRO C 99 -15.15 -7.98 -6.91
C PRO C 99 -14.74 -7.34 -8.24
N SER C 100 -13.44 -7.37 -8.52
CA SER C 100 -12.90 -6.55 -9.60
C SER C 100 -11.65 -7.13 -10.21
N GLN C 101 -11.22 -6.61 -11.34
CA GLN C 101 -9.95 -7.01 -11.94
C GLN C 101 -9.49 -5.98 -12.97
N CYS C 102 -8.18 -5.92 -13.15
CA CYS C 102 -7.61 -5.04 -14.14
C CYS C 102 -7.08 -5.85 -15.31
N VAL C 103 -7.11 -5.28 -16.49
CA VAL C 103 -6.66 -5.98 -17.68
C VAL C 103 -5.86 -4.98 -18.50
N VAL C 104 -4.75 -5.42 -19.07
CA VAL C 104 -4.00 -4.54 -19.93
C VAL C 104 -4.39 -4.79 -21.37
N ALA C 105 -4.99 -3.80 -22.02
CA ALA C 105 -5.46 -3.88 -23.42
C ALA C 105 -4.59 -4.72 -24.40
N ARG C 106 -3.30 -4.57 -24.29
CA ARG C 106 -2.30 -5.21 -25.11
C ARG C 106 -2.49 -6.72 -25.19
N THR C 107 -2.75 -7.31 -24.02
CA THR C 107 -2.82 -8.75 -23.91
C THR C 107 -4.13 -9.26 -24.50
N LEU C 108 -5.09 -8.37 -24.66
CA LEU C 108 -6.43 -8.77 -25.07
C LEU C 108 -6.57 -9.52 -26.42
N GLY C 109 -5.54 -9.50 -27.27
CA GLY C 109 -5.63 -10.20 -28.57
C GLY C 109 -5.86 -11.69 -28.45
N LYS C 110 -5.25 -12.25 -27.40
CA LYS C 110 -5.16 -13.68 -27.16
C LYS C 110 -6.45 -14.24 -26.59
N GLN C 111 -6.81 -15.43 -27.05
CA GLN C 111 -7.99 -16.11 -26.52
C GLN C 111 -7.78 -16.73 -25.13
N GLN C 112 -6.52 -16.98 -24.76
CA GLN C 112 -6.17 -17.40 -23.38
C GLN C 112 -6.36 -16.30 -22.34
N THR C 113 -6.13 -15.04 -22.75
CA THR C 113 -6.41 -13.87 -21.93
C THR C 113 -7.91 -13.75 -21.69
N VAL C 114 -8.68 -13.87 -22.77
CA VAL C 114 -10.13 -13.87 -22.65
C VAL C 114 -10.63 -14.94 -21.66
N MET C 115 -10.18 -16.19 -21.84
CA MET C 115 -10.55 -17.29 -20.96
C MET C 115 -10.20 -17.00 -19.49
N ALA C 116 -9.01 -16.46 -19.24
CA ALA C 116 -8.63 -16.15 -17.88
C ALA C 116 -9.59 -15.10 -17.25
N ILE C 117 -9.98 -14.11 -18.05
CA ILE C 117 -10.83 -13.05 -17.55
C ILE C 117 -12.17 -13.61 -17.16
N ALA C 118 -12.73 -14.43 -18.06
CA ALA C 118 -14.04 -15.05 -17.80
C ALA C 118 -13.95 -16.00 -16.61
N THR C 119 -12.86 -16.75 -16.51
CA THR C 119 -12.67 -17.62 -15.37
C THR C 119 -12.72 -16.79 -14.07
N LYS C 120 -11.95 -15.71 -14.03
CA LYS C 120 -11.92 -14.89 -12.84
C LYS C 120 -13.33 -14.35 -12.50
N ILE C 121 -14.06 -13.93 -13.51
CA ILE C 121 -15.47 -13.58 -13.32
C ILE C 121 -16.34 -14.73 -12.76
N ALA C 122 -16.27 -15.93 -13.37
CA ALA C 122 -17.02 -17.07 -12.85
C ALA C 122 -16.71 -17.24 -11.36
N LEU C 123 -15.44 -16.96 -11.01
CA LEU C 123 -15.00 -17.18 -9.63
C LEU C 123 -15.61 -16.18 -8.69
N GLN C 124 -15.63 -14.94 -9.16
CA GLN C 124 -16.08 -13.85 -8.34
C GLN C 124 -17.60 -13.91 -8.14
N MET C 125 -18.31 -14.49 -9.10
CA MET C 125 -19.77 -14.67 -8.98
C MET C 125 -20.23 -15.70 -7.91
N ASN C 126 -19.33 -16.28 -7.15
CA ASN C 126 -19.71 -17.11 -6.00
C ASN C 126 -19.18 -16.52 -4.69
N LYS D 8 -10.80 17.02 13.20
CA LYS D 8 -9.80 18.09 13.53
C LYS D 8 -9.87 19.23 12.51
N PRO D 9 -10.20 20.43 12.96
CA PRO D 9 -10.31 21.48 11.98
C PRO D 9 -8.93 21.95 11.53
N LEU D 10 -8.75 22.10 10.22
CA LEU D 10 -7.58 22.74 9.65
C LEU D 10 -8.00 24.08 9.05
N ASP D 11 -8.12 25.09 9.90
CA ASP D 11 -8.63 26.38 9.45
C ASP D 11 -7.60 27.48 9.16
N ASN D 12 -6.43 27.40 9.78
CA ASN D 12 -5.40 28.42 9.60
C ASN D 12 -4.11 27.80 9.08
N TRP D 13 -3.81 28.03 7.81
CA TRP D 13 -2.63 27.46 7.22
C TRP D 13 -2.21 28.14 5.92
N LEU D 14 -0.91 28.01 5.59
CA LEU D 14 -0.32 28.76 4.49
C LEU D 14 0.06 27.94 3.29
N LEU D 15 -0.33 28.41 2.12
CA LEU D 15 0.19 27.91 0.88
C LEU D 15 0.92 29.04 0.16
N ILE D 16 2.22 28.87 -0.03
CA ILE D 16 3.01 29.87 -0.69
C ILE D 16 3.38 29.32 -2.04
N TYR D 17 3.12 30.13 -3.06
CA TYR D 17 3.29 29.60 -4.39
C TYR D 17 3.67 30.72 -5.27
N THR D 18 4.16 30.40 -6.46
CA THR D 18 4.46 31.43 -7.45
C THR D 18 3.41 31.51 -8.59
N ARG D 19 3.29 32.68 -9.23
CA ARG D 19 2.25 33.02 -10.24
C ARG D 19 2.03 31.96 -11.30
N ARG D 20 3.12 31.42 -11.81
CA ARG D 20 3.11 30.41 -12.86
C ARG D 20 2.30 29.17 -12.50
N ASN D 21 2.22 28.86 -11.21
CA ASN D 21 1.51 27.69 -10.73
C ASN D 21 0.24 28.10 -10.02
N TYR D 22 -0.27 29.28 -10.31
CA TYR D 22 -1.51 29.73 -9.71
C TYR D 22 -2.62 28.66 -9.75
N GLU D 23 -2.78 27.95 -10.87
CA GLU D 23 -3.90 27.03 -10.96
C GLU D 23 -3.60 25.67 -10.41
N ALA D 24 -2.35 25.24 -10.53
CA ALA D 24 -2.00 24.00 -9.85
C ALA D 24 -2.20 24.20 -8.33
N ALA D 25 -2.02 25.43 -7.85
CA ALA D 25 -2.27 25.74 -6.44
C ALA D 25 -3.75 25.65 -6.04
N ASN D 26 -4.63 26.22 -6.88
CA ASN D 26 -6.08 26.15 -6.68
C ASN D 26 -6.56 24.78 -6.69
N SER D 27 -6.06 23.98 -7.65
CA SER D 27 -6.42 22.55 -7.78
C SER D 27 -6.01 21.74 -6.58
N LEU D 28 -4.84 22.08 -6.03
CA LEU D 28 -4.34 21.37 -4.88
C LEU D 28 -5.28 21.56 -3.69
N ILE D 29 -5.74 22.79 -3.50
CA ILE D 29 -6.74 23.05 -2.49
C ILE D 29 -7.97 22.19 -2.71
N GLN D 30 -8.52 22.19 -3.93
CA GLN D 30 -9.75 21.40 -4.20
C GLN D 30 -9.52 19.93 -3.89
N ASN D 31 -8.51 19.33 -4.49
CA ASN D 31 -8.23 17.90 -4.26
C ASN D 31 -8.04 17.53 -2.81
N LEU D 32 -7.39 18.39 -2.05
CA LEU D 32 -7.23 18.14 -0.64
C LEU D 32 -8.60 18.18 0.04
N PHE D 33 -9.48 19.08 -0.42
CA PHE D 33 -10.86 19.16 0.08
C PHE D 33 -11.54 17.79 -0.13
N LYS D 34 -11.18 17.09 -1.20
CA LYS D 34 -11.75 15.77 -1.51
C LYS D 34 -11.29 14.64 -0.59
N VAL D 35 -9.99 14.56 -0.35
CA VAL D 35 -9.43 13.40 0.34
C VAL D 35 -9.30 13.60 1.85
N THR D 36 -9.60 14.81 2.30
CA THR D 36 -9.39 15.18 3.70
C THR D 36 -10.48 14.69 4.67
N PRO D 37 -11.76 14.66 4.24
CA PRO D 37 -12.76 14.19 5.19
C PRO D 37 -12.51 12.77 5.65
N ALA D 38 -12.08 11.88 4.74
CA ALA D 38 -11.79 10.49 5.09
C ALA D 38 -10.75 10.36 6.20
N MET D 39 -9.97 11.40 6.43
CA MET D 39 -8.93 11.36 7.44
C MET D 39 -9.29 12.07 8.75
N GLY D 40 -10.54 12.47 8.90
CA GLY D 40 -11.01 13.11 10.14
C GLY D 40 -10.62 14.56 10.26
N ILE D 41 -10.40 15.19 9.10
CA ILE D 41 -9.99 16.58 9.04
C ILE D 41 -11.00 17.45 8.30
N GLN D 42 -11.36 18.56 8.93
CA GLN D 42 -12.18 19.55 8.28
C GLN D 42 -11.36 20.77 7.87
N MET D 43 -11.23 20.92 6.56
CA MET D 43 -10.36 21.89 5.96
C MET D 43 -11.06 23.21 5.66
N LYS D 44 -10.42 24.33 5.97
CA LYS D 44 -10.80 25.62 5.37
C LYS D 44 -9.82 25.86 4.22
N LYS D 45 -10.11 26.85 3.39
CA LYS D 45 -9.23 27.25 2.30
C LYS D 45 -7.88 27.73 2.88
N ALA D 46 -6.79 27.56 2.14
CA ALA D 46 -5.48 28.00 2.62
C ALA D 46 -5.35 29.50 2.49
N ILE D 47 -4.67 30.16 3.41
CA ILE D 47 -4.22 31.54 3.17
C ILE D 47 -3.17 31.46 2.06
N MET D 48 -3.47 32.09 0.93
CA MET D 48 -2.61 31.94 -0.24
C MET D 48 -1.70 33.12 -0.41
N ILE D 49 -0.42 32.84 -0.58
CA ILE D 49 0.58 33.89 -0.63
C ILE D 49 1.36 33.72 -1.92
N GLU D 50 1.31 34.75 -2.75
CA GLU D 50 1.95 34.70 -4.06
C GLU D 50 3.24 35.43 -3.96
N VAL D 51 4.31 34.77 -4.39
CA VAL D 51 5.65 35.34 -4.29
C VAL D 51 6.31 35.27 -5.66
N ASP D 52 7.31 36.10 -5.86
CA ASP D 52 8.17 35.95 -7.02
C ASP D 52 8.92 34.63 -6.88
N ASP D 53 9.34 34.07 -8.02
CA ASP D 53 9.96 32.75 -8.03
C ASP D 53 11.46 32.78 -7.64
N ARG D 54 11.73 33.24 -6.43
CA ARG D 54 13.11 33.30 -5.94
C ARG D 54 13.20 32.84 -4.51
N THR D 55 14.30 32.19 -4.16
CA THR D 55 14.42 31.68 -2.81
C THR D 55 14.03 32.73 -1.77
N GLU D 56 14.67 33.89 -1.83
CA GLU D 56 14.47 34.94 -0.85
C GLU D 56 12.99 35.38 -0.67
N ALA D 57 12.22 35.43 -1.77
CA ALA D 57 10.83 35.81 -1.66
C ALA D 57 10.02 34.77 -0.89
N TYR D 58 10.30 33.48 -1.07
CA TYR D 58 9.67 32.51 -0.20
C TYR D 58 10.02 32.81 1.26
N LEU D 59 11.31 33.04 1.56
CA LEU D 59 11.72 33.17 2.96
C LEU D 59 11.11 34.46 3.60
N ARG D 60 11.09 35.54 2.83
CA ARG D 60 10.36 36.72 3.30
C ARG D 60 8.93 36.50 3.65
N ALA D 61 8.19 35.84 2.73
CA ALA D 61 6.80 35.52 2.97
C ALA D 61 6.70 34.72 4.24
N LEU D 62 7.59 33.73 4.43
CA LEU D 62 7.52 32.89 5.62
C LEU D 62 7.68 33.74 6.87
N GLN D 63 8.70 34.62 6.89
CA GLN D 63 8.98 35.46 8.10
C GLN D 63 7.82 36.42 8.40
N GLN D 64 7.07 36.82 7.39
CA GLN D 64 6.04 37.82 7.66
C GLN D 64 4.73 37.22 8.01
N LYS D 65 4.49 36.00 7.55
CA LYS D 65 3.15 35.43 7.61
C LYS D 65 3.00 34.32 8.64
N VAL D 66 4.06 33.57 8.92
CA VAL D 66 3.93 32.52 9.92
C VAL D 66 3.71 33.17 11.29
N THR D 67 2.70 32.65 11.99
CA THR D 67 2.22 33.15 13.29
C THR D 67 2.06 31.99 14.29
N SER D 68 1.82 32.31 15.55
CA SER D 68 1.38 31.32 16.52
C SER D 68 0.23 30.45 16.05
N ASP D 69 -0.69 31.03 15.26
CA ASP D 69 -1.94 30.35 14.87
C ASP D 69 -1.81 29.43 13.66
N THR D 70 -0.72 29.55 12.91
CA THR D 70 -0.51 28.81 11.67
C THR D 70 -0.32 27.35 12.00
N GLN D 71 -1.13 26.49 11.40
CA GLN D 71 -1.08 25.08 11.73
C GLN D 71 -0.12 24.31 10.83
N ILE D 72 -0.09 24.63 9.54
CA ILE D 72 0.63 23.91 8.51
C ILE D 72 1.19 24.93 7.55
N VAL D 73 2.33 24.66 6.93
CA VAL D 73 2.81 25.54 5.89
C VAL D 73 3.12 24.68 4.68
N VAL D 74 2.78 25.12 3.49
CA VAL D 74 3.10 24.35 2.33
C VAL D 74 3.74 25.32 1.36
N CYS D 75 4.90 24.96 0.84
CA CYS D 75 5.56 25.75 -0.19
C CYS D 75 5.55 24.96 -1.45
N LEU D 76 4.92 25.55 -2.46
CA LEU D 76 4.80 24.92 -3.74
C LEU D 76 5.81 25.57 -4.64
N LEU D 77 6.73 24.77 -5.17
CA LEU D 77 7.84 25.27 -5.95
C LEU D 77 7.62 25.04 -7.42
N SER D 78 8.09 25.98 -8.22
CA SER D 78 7.99 25.90 -9.67
C SER D 78 8.74 24.70 -10.23
N SER D 79 9.70 24.17 -9.48
CA SER D 79 10.63 23.20 -10.06
C SER D 79 11.41 22.50 -8.97
N ASN D 80 11.92 21.32 -9.31
CA ASN D 80 12.77 20.53 -8.39
C ASN D 80 14.20 21.05 -8.33
N ARG D 81 14.38 22.27 -8.83
CA ARG D 81 15.66 22.97 -8.79
C ARG D 81 16.30 22.76 -7.44
N LYS D 82 17.40 22.02 -7.44
CA LYS D 82 18.03 21.54 -6.22
C LYS D 82 18.35 22.65 -5.24
N ASP D 83 19.05 23.69 -5.69
CA ASP D 83 19.47 24.78 -4.81
C ASP D 83 18.29 25.46 -4.12
N LYS D 84 17.29 25.84 -4.90
CA LYS D 84 16.10 26.49 -4.38
C LYS D 84 15.41 25.52 -3.39
N TYR D 85 15.20 24.30 -3.81
CA TYR D 85 14.52 23.31 -2.97
C TYR D 85 15.27 23.03 -1.63
N ASP D 86 16.58 22.84 -1.73
CA ASP D 86 17.44 22.66 -0.56
C ASP D 86 17.43 23.82 0.45
N ALA D 87 17.52 25.06 -0.07
CA ALA D 87 17.57 26.23 0.76
C ALA D 87 16.26 26.35 1.54
N ILE D 88 15.14 26.25 0.83
CA ILE D 88 13.84 26.47 1.45
C ILE D 88 13.64 25.43 2.52
N LYS D 89 13.99 24.20 2.17
CA LYS D 89 13.84 23.07 3.08
C LYS D 89 14.68 23.24 4.37
N LYS D 90 15.97 23.55 4.20
CA LYS D 90 16.87 23.93 5.29
C LYS D 90 16.22 25.01 6.14
N TYR D 91 15.78 26.10 5.52
CA TYR D 91 15.25 27.19 6.32
C TYR D 91 14.02 26.77 7.12
N LEU D 92 13.05 26.13 6.48
CA LEU D 92 11.85 25.67 7.20
C LEU D 92 12.23 24.84 8.36
N CYS D 93 13.18 23.99 8.08
CA CYS D 93 13.59 23.07 9.06
C CYS D 93 14.35 23.73 10.25
N THR D 94 15.24 24.70 10.00
CA THR D 94 15.94 25.37 11.11
C THR D 94 15.12 26.49 11.76
N ASP D 95 14.44 27.28 10.95
CA ASP D 95 13.90 28.55 11.48
C ASP D 95 12.41 28.64 11.62
N CYS D 96 11.70 27.70 11.00
CA CYS D 96 10.22 27.70 11.04
C CYS D 96 9.71 26.59 11.92
N PRO D 97 9.17 26.95 13.10
CA PRO D 97 8.71 25.94 14.09
C PRO D 97 7.44 25.24 13.64
N THR D 98 6.58 25.97 12.95
CA THR D 98 5.37 25.43 12.32
C THR D 98 5.72 24.28 11.36
N PRO D 99 4.99 23.14 11.46
CA PRO D 99 5.25 22.00 10.59
C PRO D 99 4.98 22.39 9.12
N SER D 100 5.74 21.83 8.19
CA SER D 100 5.83 22.37 6.86
C SER D 100 6.19 21.30 5.84
N GLN D 101 6.05 21.59 4.55
CA GLN D 101 6.55 20.68 3.51
C GLN D 101 6.70 21.43 2.20
N CYS D 102 7.56 20.90 1.33
CA CYS D 102 7.71 21.45 0.00
C CYS D 102 7.18 20.51 -1.02
N VAL D 103 6.57 21.04 -2.08
CA VAL D 103 5.97 20.20 -3.13
C VAL D 103 6.38 20.76 -4.46
N VAL D 104 6.78 19.91 -5.38
CA VAL D 104 7.10 20.39 -6.73
C VAL D 104 5.87 20.29 -7.60
N ALA D 105 5.40 21.41 -8.14
CA ALA D 105 4.19 21.51 -8.99
C ALA D 105 3.98 20.39 -10.03
N ARG D 106 5.07 20.00 -10.70
CA ARG D 106 5.10 18.93 -11.69
C ARG D 106 4.41 17.64 -11.23
N THR D 107 4.69 17.22 -10.01
CA THR D 107 4.16 15.96 -9.50
C THR D 107 2.69 16.03 -9.14
N LEU D 108 2.16 17.24 -8.94
CA LEU D 108 0.78 17.43 -8.48
C LEU D 108 -0.28 16.81 -9.37
N LYS D 110 -0.90 13.84 -10.15
CA LYS D 110 -1.12 12.50 -9.65
C LYS D 110 -1.95 12.52 -8.38
N GLN D 111 -2.87 11.55 -8.23
CA GLN D 111 -3.71 11.44 -7.03
C GLN D 111 -2.94 10.85 -5.83
N GLN D 112 -1.85 10.13 -6.11
CA GLN D 112 -0.95 9.60 -5.07
C GLN D 112 -0.11 10.70 -4.42
N THR D 113 0.29 11.69 -5.23
CA THR D 113 0.94 12.87 -4.72
C THR D 113 0.03 13.61 -3.74
N VAL D 114 -1.18 13.94 -4.20
CA VAL D 114 -2.20 14.52 -3.32
C VAL D 114 -2.36 13.74 -2.00
N MET D 115 -2.45 12.40 -2.09
CA MET D 115 -2.63 11.56 -0.89
C MET D 115 -1.45 11.70 0.07
N ALA D 116 -0.23 11.74 -0.48
CA ALA D 116 0.98 11.81 0.35
C ALA D 116 1.02 13.12 1.13
N ILE D 117 0.75 14.22 0.43
CA ILE D 117 0.63 15.53 1.05
C ILE D 117 -0.38 15.57 2.20
N ALA D 118 -1.54 14.95 1.99
CA ALA D 118 -2.61 15.01 2.97
C ALA D 118 -2.25 14.14 4.15
N THR D 119 -1.58 13.03 3.86
CA THR D 119 -1.13 12.12 4.91
C THR D 119 -0.17 12.85 5.82
N LYS D 120 0.84 13.49 5.21
CA LYS D 120 1.82 14.30 5.95
C LYS D 120 1.13 15.35 6.81
N ILE D 121 0.13 16.02 6.25
CA ILE D 121 -0.63 17.01 7.03
C ILE D 121 -1.34 16.38 8.24
N ALA D 122 -2.04 15.27 8.02
CA ALA D 122 -2.71 14.59 9.13
C ALA D 122 -1.70 14.26 10.22
N LEU D 123 -0.51 13.83 9.81
CA LEU D 123 0.56 13.51 10.75
C LEU D 123 1.01 14.72 11.53
N GLN D 124 1.26 15.82 10.81
CA GLN D 124 1.77 17.03 11.41
C GLN D 124 0.76 17.63 12.39
N MET D 125 -0.52 17.39 12.14
CA MET D 125 -1.57 17.91 13.02
C MET D 125 -1.66 17.23 14.39
N ASN D 126 -0.75 16.30 14.65
CA ASN D 126 -0.60 15.71 15.98
C ASN D 126 0.77 16.03 16.60
#